data_6IBW
#
_entry.id   6IBW
#
_cell.length_a   55.390
_cell.length_b   75.300
_cell.length_c   117.410
_cell.angle_alpha   90.00
_cell.angle_beta   90.00
_cell.angle_gamma   90.00
#
_symmetry.space_group_name_H-M   'P 21 21 21'
#
loop_
_entity.id
_entity.type
_entity.pdbx_description
1 polymer 'Probable glycosidase crf1'
2 branched 2-acetamido-2-deoxy-beta-D-glucopyranose-(1-4)-2-acetamido-2-deoxy-beta-D-glucopyranose-(1-4)-2-acetamido-2-deoxy-beta-D-glucopyranose-(1-4)-2-acetamido-2-deoxy-beta-D-glucopyranose
3 branched 2-acetamido-2-deoxy-beta-D-glucopyranose-(1-4)-2-acetamido-2-deoxy-beta-D-glucopyranose
4 water water
#
_entity_poly.entity_id   1
_entity_poly.type   'polypeptide(L)'
_entity_poly.pdbx_seq_one_letter_code
;WSKCNPLEKTCPPNKGLAASTYTADFTSASALDQWEVTAGKVPVGPQGAEFTVAKQGDAPTIDTDFYFFFGKAEVVMKAA
PGTGVVSSIVLESDDLDEVDWEVLGGDTTQVQTNYFGKGDTTTYDRGTYVPVATPQETFHTYTIDWTKDAVTWSIDGAVV
RTLTYNDAKGGTRFPQTPMRLRLGSWAGGDPSNPKGTIEWAGGLTDYSAGPYTMYVKSVRIENANPAESYTYSDNSGSWQ
SIKFD
;
_entity_poly.pdbx_strand_id   A,B
#
# COMPACT_ATOMS: atom_id res chain seq x y z
N LYS A 3 20.92 -23.23 -8.36
CA LYS A 3 20.37 -21.98 -8.92
C LYS A 3 20.32 -22.11 -10.45
N CYS A 4 19.38 -22.89 -10.99
CA CYS A 4 19.19 -23.08 -12.45
C CYS A 4 18.19 -22.05 -12.97
N ASN A 5 18.57 -21.29 -13.99
CA ASN A 5 17.75 -20.19 -14.54
C ASN A 5 16.80 -20.72 -15.63
N PRO A 6 15.49 -20.79 -15.34
CA PRO A 6 14.50 -21.27 -16.30
C PRO A 6 14.31 -20.50 -17.61
N LEU A 7 14.97 -19.36 -17.81
CA LEU A 7 14.95 -18.67 -19.12
C LEU A 7 16.01 -19.34 -19.99
N GLU A 8 16.94 -20.08 -19.39
CA GLU A 8 18.07 -20.66 -20.12
C GLU A 8 17.87 -22.17 -20.31
N LYS A 9 17.07 -22.84 -19.48
CA LYS A 9 16.90 -24.31 -19.57
C LYS A 9 15.63 -24.76 -18.84
N THR A 10 15.38 -26.07 -18.77
CA THR A 10 14.26 -26.65 -18.02
C THR A 10 14.76 -27.08 -16.65
N CYS A 11 14.35 -26.41 -15.57
CA CYS A 11 14.73 -26.80 -14.19
C CYS A 11 13.59 -27.53 -13.48
N PRO A 12 13.90 -28.38 -12.46
CA PRO A 12 12.89 -29.02 -11.63
C PRO A 12 12.02 -28.01 -10.88
N PRO A 13 10.84 -28.47 -10.42
CA PRO A 13 9.93 -27.61 -9.67
C PRO A 13 10.56 -26.93 -8.45
N ASN A 14 10.10 -25.71 -8.14
CA ASN A 14 10.45 -25.01 -6.88
C ASN A 14 9.55 -25.58 -5.78
N LYS A 15 10.09 -25.94 -4.63
CA LYS A 15 9.26 -26.29 -3.46
C LYS A 15 8.42 -25.05 -3.09
N GLY A 16 7.10 -25.20 -3.00
CA GLY A 16 6.18 -24.08 -2.74
C GLY A 16 5.62 -24.11 -1.33
N LEU A 17 5.18 -22.95 -0.82
CA LEU A 17 4.46 -22.84 0.47
C LEU A 17 3.01 -23.25 0.20
N ALA A 18 2.63 -24.43 0.68
CA ALA A 18 1.32 -25.07 0.43
C ALA A 18 0.32 -24.60 1.46
N ALA A 19 0.43 -23.34 1.88
CA ALA A 19 -0.44 -22.70 2.87
C ALA A 19 -0.68 -21.26 2.41
N SER A 20 -1.79 -20.66 2.82
CA SER A 20 -2.13 -19.30 2.42
C SER A 20 -1.35 -18.31 3.28
N THR A 21 -0.86 -18.70 4.46
CA THR A 21 0.04 -17.82 5.23
C THR A 21 1.11 -18.65 5.94
N TYR A 22 2.25 -18.03 6.15
CA TYR A 22 3.40 -18.56 6.91
C TYR A 22 3.78 -17.51 7.96
N THR A 23 3.94 -17.89 9.23
CA THR A 23 4.41 -16.91 10.24
C THR A 23 5.59 -17.52 10.97
N ALA A 24 6.58 -16.68 11.23
CA ALA A 24 7.79 -17.06 11.96
C ALA A 24 8.01 -15.96 13.00
N ASP A 25 7.91 -16.31 14.27
CA ASP A 25 8.32 -15.45 15.39
C ASP A 25 9.76 -15.86 15.74
N PHE A 26 10.75 -15.03 15.46
CA PHE A 26 12.17 -15.44 15.62
C PHE A 26 12.60 -15.34 17.08
N THR A 27 11.70 -15.28 18.06
CA THR A 27 12.19 -15.35 19.45
C THR A 27 12.21 -16.81 19.87
N SER A 28 11.56 -17.71 19.12
CA SER A 28 11.58 -19.17 19.38
C SER A 28 12.76 -19.82 18.65
N ALA A 29 13.26 -20.94 19.18
CA ALA A 29 14.44 -21.67 18.64
C ALA A 29 14.08 -22.36 17.32
N SER A 30 12.95 -23.09 17.30
CA SER A 30 12.43 -23.81 16.11
C SER A 30 11.69 -22.81 15.21
N ALA A 31 12.33 -21.69 14.90
CA ALA A 31 11.80 -20.66 13.97
C ALA A 31 12.44 -20.84 12.59
N LEU A 32 13.63 -21.46 12.52
CA LEU A 32 14.41 -21.65 11.28
C LEU A 32 14.19 -23.07 10.78
N ASP A 33 13.00 -23.62 11.01
CA ASP A 33 12.64 -25.02 10.61
C ASP A 33 12.36 -25.05 9.11
N GLN A 34 11.84 -23.95 8.56
CA GLN A 34 11.46 -23.86 7.13
C GLN A 34 12.41 -22.89 6.42
N TRP A 35 13.58 -22.64 7.03
CA TRP A 35 14.64 -21.74 6.52
C TRP A 35 15.94 -22.54 6.37
N GLU A 36 16.85 -22.11 5.51
CA GLU A 36 18.23 -22.69 5.47
C GLU A 36 19.22 -21.55 5.75
N VAL A 37 20.22 -21.82 6.58
CA VAL A 37 21.33 -20.86 6.81
C VAL A 37 22.33 -21.07 5.67
N THR A 38 22.33 -20.17 4.71
CA THR A 38 23.13 -20.28 3.46
C THR A 38 24.57 -19.83 3.70
N ALA A 39 24.80 -18.91 4.64
CA ALA A 39 26.15 -18.44 5.00
C ALA A 39 26.18 -18.06 6.49
N GLY A 40 27.35 -18.16 7.11
CA GLY A 40 27.57 -17.74 8.52
C GLY A 40 26.71 -18.52 9.49
N LYS A 41 26.64 -18.06 10.73
CA LYS A 41 25.77 -18.60 11.80
C LYS A 41 24.72 -17.52 12.08
N VAL A 42 23.48 -17.88 12.39
CA VAL A 42 22.44 -16.86 12.65
C VAL A 42 21.78 -17.23 13.97
N PRO A 43 22.27 -16.71 15.12
CA PRO A 43 21.70 -17.07 16.41
C PRO A 43 20.33 -16.41 16.58
N VAL A 44 19.53 -16.97 17.48
CA VAL A 44 18.18 -16.45 17.79
C VAL A 44 18.23 -15.92 19.22
N GLY A 45 17.85 -14.66 19.39
CA GLY A 45 18.01 -13.91 20.64
C GLY A 45 16.66 -13.49 21.20
N PRO A 46 16.65 -12.66 22.27
CA PRO A 46 15.42 -12.01 22.72
C PRO A 46 14.91 -10.91 21.78
N GLN A 47 15.77 -10.39 20.90
CA GLN A 47 15.43 -9.36 19.89
C GLN A 47 15.19 -10.01 18.52
N GLY A 48 15.11 -11.34 18.46
CA GLY A 48 14.86 -12.08 17.22
C GLY A 48 16.15 -12.62 16.66
N ALA A 49 16.14 -12.99 15.37
CA ALA A 49 17.29 -13.56 14.61
C ALA A 49 18.35 -12.47 14.45
N GLU A 50 19.63 -12.80 14.59
CA GLU A 50 20.74 -11.81 14.59
C GLU A 50 21.60 -12.02 13.35
N PHE A 51 21.73 -10.98 12.54
CA PHE A 51 22.63 -10.94 11.36
C PHE A 51 23.77 -9.98 11.74
N THR A 52 24.91 -10.55 12.11
CA THR A 52 26.07 -9.80 12.64
C THR A 52 27.21 -9.80 11.62
N VAL A 53 27.70 -8.63 11.27
CA VAL A 53 28.98 -8.51 10.52
C VAL A 53 30.07 -8.25 11.57
N ALA A 54 30.74 -9.30 12.05
CA ALA A 54 31.79 -9.15 13.08
C ALA A 54 33.15 -8.97 12.41
N LYS A 55 33.38 -9.62 11.27
CA LYS A 55 34.70 -9.67 10.62
C LYS A 55 34.53 -9.64 9.11
N GLN A 56 35.64 -9.52 8.37
CA GLN A 56 35.60 -9.45 6.89
C GLN A 56 35.08 -10.80 6.39
N GLY A 57 34.23 -10.77 5.36
CA GLY A 57 33.63 -11.96 4.74
C GLY A 57 32.37 -12.42 5.44
N ASP A 58 32.01 -11.81 6.58
CA ASP A 58 30.77 -12.12 7.33
C ASP A 58 29.57 -11.61 6.54
N ALA A 59 28.77 -12.53 6.00
CA ALA A 59 27.57 -12.23 5.20
C ALA A 59 26.47 -13.20 5.61
N PRO A 60 26.08 -13.20 6.90
CA PRO A 60 25.09 -14.14 7.42
C PRO A 60 23.70 -13.97 6.77
N THR A 61 23.22 -15.01 6.10
CA THR A 61 21.97 -14.97 5.30
C THR A 61 21.07 -16.16 5.65
N ILE A 62 19.75 -15.98 5.60
CA ILE A 62 18.79 -17.11 5.70
C ILE A 62 17.79 -17.01 4.56
N ASP A 63 17.56 -18.12 3.89
CA ASP A 63 16.63 -18.33 2.76
C ASP A 63 15.43 -19.13 3.25
N THR A 64 14.21 -18.91 2.75
CA THR A 64 13.09 -19.82 3.10
C THR A 64 13.27 -21.09 2.27
N ASP A 65 12.88 -22.24 2.79
CA ASP A 65 12.93 -23.52 2.04
C ASP A 65 11.93 -23.47 0.89
N PHE A 66 10.88 -22.68 1.10
CA PHE A 66 9.72 -22.63 0.18
C PHE A 66 9.72 -21.37 -0.67
N TYR A 67 8.91 -21.40 -1.73
CA TYR A 67 8.65 -20.27 -2.64
C TYR A 67 7.18 -19.90 -2.55
N PHE A 68 6.84 -18.66 -2.83
CA PHE A 68 5.43 -18.24 -2.86
C PHE A 68 5.19 -17.50 -4.18
N PHE A 69 3.99 -17.62 -4.73
CA PHE A 69 3.64 -17.08 -6.06
C PHE A 69 2.59 -16.01 -5.86
N PHE A 70 3.03 -14.76 -5.68
CA PHE A 70 2.22 -13.55 -5.41
C PHE A 70 1.78 -13.55 -3.94
N GLY A 71 1.52 -12.37 -3.36
CA GLY A 71 0.99 -12.30 -1.99
C GLY A 71 1.63 -11.20 -1.18
N LYS A 72 2.17 -11.51 0.00
CA LYS A 72 2.68 -10.48 0.93
C LYS A 72 3.93 -11.01 1.59
N ALA A 73 4.93 -10.19 1.81
CA ALA A 73 6.08 -10.52 2.69
C ALA A 73 6.24 -9.36 3.66
N GLU A 74 6.06 -9.61 4.94
CA GLU A 74 6.16 -8.60 6.00
C GLU A 74 7.32 -8.99 6.91
N VAL A 75 8.28 -8.11 7.15
CA VAL A 75 9.42 -8.44 8.06
C VAL A 75 9.48 -7.34 9.09
N VAL A 76 9.60 -7.67 10.37
CA VAL A 76 9.87 -6.63 11.40
C VAL A 76 11.38 -6.67 11.65
N MET A 77 12.10 -5.62 11.25
CA MET A 77 13.59 -5.57 11.28
C MET A 77 14.08 -4.28 11.97
N LYS A 78 15.19 -4.36 12.70
CA LYS A 78 16.03 -3.21 13.10
C LYS A 78 17.31 -3.35 12.30
N ALA A 79 17.72 -2.32 11.56
CA ALA A 79 18.89 -2.41 10.68
C ALA A 79 20.16 -2.51 11.52
N ALA A 80 21.22 -3.05 10.95
CA ALA A 80 22.56 -3.04 11.58
C ALA A 80 23.11 -1.65 11.42
N PRO A 81 23.83 -1.11 12.43
CA PRO A 81 24.54 0.15 12.26
C PRO A 81 25.86 -0.11 11.51
N GLY A 82 26.71 0.93 11.42
CA GLY A 82 28.06 0.81 10.87
C GLY A 82 28.15 1.28 9.43
N THR A 83 29.25 1.93 9.09
CA THR A 83 29.49 2.49 7.74
C THR A 83 29.69 1.33 6.77
N GLY A 84 28.93 1.34 5.66
CA GLY A 84 29.04 0.35 4.58
C GLY A 84 28.31 -0.96 4.88
N VAL A 85 27.64 -1.10 6.03
CA VAL A 85 26.95 -2.37 6.39
C VAL A 85 25.53 -2.34 5.80
N VAL A 86 25.16 -3.43 5.13
CA VAL A 86 23.86 -3.55 4.40
C VAL A 86 23.00 -4.56 5.15
N SER A 87 21.80 -4.13 5.48
CA SER A 87 20.68 -4.94 6.04
C SER A 87 19.71 -5.19 4.90
N SER A 88 19.55 -6.42 4.49
CA SER A 88 18.78 -6.73 3.26
C SER A 88 17.57 -7.62 3.55
N ILE A 89 16.41 -7.25 3.01
CA ILE A 89 15.18 -8.08 2.93
C ILE A 89 15.01 -8.41 1.45
N VAL A 90 15.25 -9.64 1.01
CA VAL A 90 15.30 -9.90 -0.47
C VAL A 90 14.25 -10.93 -0.86
N LEU A 91 13.49 -10.63 -1.90
CA LEU A 91 12.59 -11.61 -2.53
C LEU A 91 13.24 -12.00 -3.85
N GLU A 92 13.51 -13.27 -4.10
CA GLU A 92 14.17 -13.58 -5.40
C GLU A 92 13.67 -14.90 -5.99
N SER A 93 13.47 -14.92 -7.29
CA SER A 93 13.05 -16.13 -8.03
C SER A 93 14.26 -16.71 -8.75
N ASP A 94 14.12 -17.95 -9.24
CA ASP A 94 15.19 -18.70 -9.94
C ASP A 94 15.51 -18.03 -11.28
N ASP A 95 14.59 -17.25 -11.85
CA ASP A 95 14.84 -16.53 -13.13
C ASP A 95 15.50 -15.17 -12.84
N LEU A 96 15.75 -14.88 -11.56
CA LEU A 96 16.43 -13.68 -10.98
C LEU A 96 15.51 -12.46 -10.99
N ASP A 97 14.22 -12.70 -10.74
CA ASP A 97 13.22 -11.64 -10.49
C ASP A 97 13.45 -11.18 -9.07
N GLU A 98 13.50 -9.90 -8.79
CA GLU A 98 13.79 -9.57 -7.40
C GLU A 98 13.16 -8.26 -6.97
N VAL A 99 12.67 -8.24 -5.75
CA VAL A 99 12.18 -7.03 -5.03
C VAL A 99 12.98 -6.99 -3.75
N ASP A 100 13.48 -5.85 -3.32
CA ASP A 100 14.23 -5.87 -2.04
C ASP A 100 14.14 -4.55 -1.31
N TRP A 101 14.62 -4.61 -0.08
CA TRP A 101 14.77 -3.50 0.89
C TRP A 101 16.24 -3.46 1.25
N GLU A 102 16.91 -2.32 1.22
CA GLU A 102 18.31 -2.29 1.72
C GLU A 102 18.47 -1.11 2.65
N VAL A 103 19.03 -1.35 3.82
CA VAL A 103 19.35 -0.27 4.80
C VAL A 103 20.87 -0.20 4.91
N LEU A 104 21.42 1.00 5.01
CA LEU A 104 22.87 1.28 5.15
C LEU A 104 23.12 1.80 6.56
N GLY A 105 24.17 1.32 7.22
CA GLY A 105 24.40 1.60 8.66
C GLY A 105 24.63 3.07 8.94
N GLY A 106 25.25 3.81 8.02
CA GLY A 106 25.61 5.23 8.19
C GLY A 106 24.51 6.17 7.74
N ASP A 107 23.49 5.66 7.04
CA ASP A 107 22.34 6.47 6.58
C ASP A 107 21.21 6.18 7.58
N THR A 108 20.93 7.13 8.45
CA THR A 108 20.00 6.96 9.59
C THR A 108 18.63 7.52 9.21
N THR A 109 18.46 8.10 8.03
CA THR A 109 17.24 8.88 7.71
C THR A 109 16.47 8.22 6.57
N GLN A 110 17.00 7.16 5.96
CA GLN A 110 16.38 6.56 4.77
C GLN A 110 16.57 5.04 4.79
N VAL A 111 15.85 4.38 3.91
CA VAL A 111 16.09 2.97 3.49
C VAL A 111 15.87 2.92 1.98
N GLN A 112 16.53 2.00 1.31
CA GLN A 112 16.37 1.87 -0.16
C GLN A 112 15.37 0.76 -0.50
N THR A 113 14.63 0.98 -1.57
CA THR A 113 13.77 -0.04 -2.21
C THR A 113 14.37 -0.27 -3.58
N ASN A 114 14.29 -1.49 -4.09
CA ASN A 114 14.93 -1.78 -5.39
C ASN A 114 14.26 -3.01 -5.97
N TYR A 115 14.31 -3.19 -7.29
CA TYR A 115 13.82 -4.42 -7.95
C TYR A 115 14.64 -4.64 -9.22
N PHE A 116 14.63 -5.86 -9.75
CA PHE A 116 15.01 -6.12 -11.16
C PHE A 116 14.18 -7.29 -11.67
N GLY A 117 14.05 -7.37 -12.99
CA GLY A 117 13.40 -8.49 -13.69
C GLY A 117 14.44 -9.30 -14.41
N LYS A 118 14.50 -10.59 -14.16
CA LYS A 118 15.32 -11.57 -14.94
C LYS A 118 16.81 -11.24 -14.84
N GLY A 119 17.24 -10.69 -13.71
CA GLY A 119 18.65 -10.34 -13.42
C GLY A 119 19.12 -9.20 -14.29
N ASP A 120 18.19 -8.41 -14.81
CA ASP A 120 18.50 -7.29 -15.73
C ASP A 120 18.84 -6.06 -14.89
N THR A 121 20.13 -5.74 -14.82
CA THR A 121 20.64 -4.55 -14.13
C THR A 121 21.31 -3.67 -15.19
N THR A 122 20.61 -3.39 -16.29
CA THR A 122 21.15 -2.61 -17.44
C THR A 122 21.72 -1.31 -16.89
N THR A 123 20.91 -0.58 -16.13
CA THR A 123 21.37 0.60 -15.35
C THR A 123 20.80 0.42 -13.95
N TYR A 124 21.25 1.20 -12.96
CA TYR A 124 20.78 1.05 -11.56
C TYR A 124 19.70 2.09 -11.30
N ASP A 125 18.67 2.09 -12.16
CA ASP A 125 17.56 3.09 -12.17
C ASP A 125 16.29 2.50 -11.56
N ARG A 126 16.37 1.27 -11.03
CA ARG A 126 15.24 0.60 -10.36
C ARG A 126 15.30 0.85 -8.84
N GLY A 127 15.98 1.90 -8.38
CA GLY A 127 16.18 2.16 -6.94
C GLY A 127 15.43 3.39 -6.48
N THR A 128 15.00 3.44 -5.23
CA THR A 128 14.25 4.57 -4.66
C THR A 128 14.63 4.72 -3.18
N TYR A 129 14.97 5.92 -2.75
CA TYR A 129 15.29 6.17 -1.33
C TYR A 129 14.02 6.72 -0.69
N VAL A 130 13.62 6.18 0.46
CA VAL A 130 12.40 6.68 1.16
C VAL A 130 12.80 7.00 2.58
N PRO A 131 12.21 8.05 3.17
CA PRO A 131 12.51 8.44 4.55
C PRO A 131 12.04 7.38 5.56
N VAL A 132 12.91 6.99 6.48
CA VAL A 132 12.59 6.08 7.61
C VAL A 132 13.27 6.67 8.84
N ALA A 133 12.62 6.62 10.00
CA ALA A 133 13.18 7.15 11.27
C ALA A 133 14.10 6.08 11.90
N THR A 134 15.37 6.42 12.09
CA THR A 134 16.43 5.64 12.79
C THR A 134 16.25 4.13 12.60
N PRO A 135 16.40 3.65 11.35
CA PRO A 135 16.22 2.23 11.04
C PRO A 135 17.19 1.33 11.80
N GLN A 136 18.35 1.85 12.21
CA GLN A 136 19.42 1.09 12.90
C GLN A 136 19.11 1.03 14.39
N GLU A 137 18.18 1.84 14.89
CA GLU A 137 17.89 1.94 16.33
C GLU A 137 16.42 1.65 16.62
N THR A 138 15.58 1.61 15.60
CA THR A 138 14.13 1.36 15.73
C THR A 138 13.77 0.18 14.84
N PHE A 139 12.97 -0.75 15.36
CA PHE A 139 12.30 -1.84 14.59
C PHE A 139 11.18 -1.24 13.75
N HIS A 140 11.11 -1.61 12.47
CA HIS A 140 10.06 -1.13 11.54
C HIS A 140 9.46 -2.32 10.85
N THR A 141 8.23 -2.20 10.37
CA THR A 141 7.61 -3.30 9.59
C THR A 141 7.79 -3.00 8.12
N TYR A 142 8.55 -3.82 7.42
CA TYR A 142 8.81 -3.65 5.98
C TYR A 142 7.88 -4.62 5.24
N THR A 143 6.88 -4.09 4.56
CA THR A 143 5.91 -4.92 3.81
C THR A 143 6.10 -4.74 2.30
N ILE A 144 6.09 -5.85 1.58
CA ILE A 144 6.04 -5.86 0.10
C ILE A 144 4.72 -6.52 -0.27
N ASP A 145 3.87 -5.84 -1.03
CA ASP A 145 2.61 -6.45 -1.52
C ASP A 145 2.89 -6.77 -2.98
N TRP A 146 2.56 -7.97 -3.41
CA TRP A 146 3.00 -8.47 -4.72
C TRP A 146 1.80 -9.05 -5.46
N THR A 147 1.41 -8.46 -6.57
CA THR A 147 0.28 -8.93 -7.40
C THR A 147 0.75 -8.98 -8.85
N LYS A 148 -0.15 -9.32 -9.76
CA LYS A 148 0.14 -9.31 -11.21
C LYS A 148 0.22 -7.85 -11.69
N ASP A 149 -0.51 -6.96 -11.03
CA ASP A 149 -0.69 -5.55 -11.45
C ASP A 149 0.40 -4.66 -10.84
N ALA A 150 0.84 -4.91 -9.61
CA ALA A 150 1.84 -4.01 -8.98
C ALA A 150 2.55 -4.66 -7.81
N VAL A 151 3.77 -4.18 -7.55
CA VAL A 151 4.53 -4.43 -6.30
C VAL A 151 4.39 -3.17 -5.45
N THR A 152 3.97 -3.31 -4.19
CA THR A 152 3.83 -2.13 -3.31
C THR A 152 4.80 -2.30 -2.14
N TRP A 153 5.51 -1.23 -1.80
CA TRP A 153 6.46 -1.18 -0.66
C TRP A 153 5.83 -0.31 0.40
N SER A 154 5.66 -0.81 1.62
CA SER A 154 5.03 -0.04 2.72
C SER A 154 5.95 -0.10 3.92
N ILE A 155 5.95 0.94 4.77
CA ILE A 155 6.69 0.91 6.05
C ILE A 155 5.72 1.35 7.15
N ASP A 156 5.54 0.48 8.14
CA ASP A 156 4.62 0.72 9.29
C ASP A 156 3.27 1.12 8.72
N GLY A 157 2.80 0.41 7.69
CA GLY A 157 1.44 0.53 7.11
C GLY A 157 1.29 1.70 6.16
N ALA A 158 2.38 2.40 5.81
CA ALA A 158 2.31 3.55 4.89
C ALA A 158 2.96 3.13 3.56
N VAL A 159 2.29 3.44 2.45
CA VAL A 159 2.81 3.08 1.11
C VAL A 159 3.92 4.06 0.83
N VAL A 160 5.09 3.55 0.44
CA VAL A 160 6.28 4.39 0.18
C VAL A 160 6.72 4.22 -1.27
N ARG A 161 6.27 3.16 -1.97
CA ARG A 161 6.56 3.00 -3.40
C ARG A 161 5.60 2.01 -4.06
N THR A 162 5.17 2.30 -5.27
CA THR A 162 4.35 1.37 -6.09
C THR A 162 5.04 1.20 -7.44
N LEU A 163 5.25 -0.03 -7.87
CA LEU A 163 5.76 -0.35 -9.22
C LEU A 163 4.62 -1.07 -9.93
N THR A 164 4.02 -0.44 -10.95
CA THR A 164 2.95 -1.11 -11.72
C THR A 164 3.61 -1.97 -12.79
N TYR A 165 2.89 -2.98 -13.26
CA TYR A 165 3.34 -3.97 -14.26
C TYR A 165 3.95 -3.26 -15.48
N ASN A 166 3.43 -2.10 -15.91
CA ASN A 166 3.88 -1.44 -17.16
C ASN A 166 5.07 -0.52 -16.88
N ASP A 167 5.34 -0.14 -15.63
CA ASP A 167 6.54 0.69 -15.28
C ASP A 167 7.80 -0.15 -15.44
N ALA A 168 7.67 -1.48 -15.40
CA ALA A 168 8.78 -2.46 -15.56
C ALA A 168 8.86 -2.85 -17.04
N LYS A 169 9.06 -1.84 -17.89
CA LYS A 169 9.20 -1.96 -19.36
C LYS A 169 7.98 -2.71 -19.89
N GLY A 170 6.80 -2.20 -19.56
CA GLY A 170 5.50 -2.77 -19.95
C GLY A 170 5.28 -4.16 -19.38
N GLY A 171 6.04 -4.51 -18.33
CA GLY A 171 5.90 -5.81 -17.64
C GLY A 171 6.93 -6.83 -18.08
N THR A 172 7.79 -6.44 -19.03
CA THR A 172 8.90 -7.25 -19.56
C THR A 172 9.93 -7.47 -18.44
N ARG A 173 9.94 -6.60 -17.43
CA ARG A 173 10.90 -6.67 -16.31
C ARG A 173 10.17 -6.64 -14.97
N PHE A 174 8.90 -7.01 -14.94
CA PHE A 174 8.10 -7.05 -13.68
C PHE A 174 8.40 -8.36 -12.96
N PRO A 175 8.63 -8.38 -11.63
CA PRO A 175 8.81 -9.64 -10.92
C PRO A 175 7.47 -10.40 -10.83
N GLN A 176 7.40 -11.58 -11.46
CA GLN A 176 6.14 -12.34 -11.58
C GLN A 176 6.45 -13.84 -11.55
N THR A 177 7.50 -14.27 -10.86
CA THR A 177 7.84 -15.71 -10.79
C THR A 177 7.94 -16.08 -9.32
N PRO A 178 7.87 -17.39 -8.97
CA PRO A 178 7.87 -17.79 -7.56
C PRO A 178 9.17 -17.33 -6.88
N MET A 179 9.04 -16.66 -5.74
CA MET A 179 10.20 -16.05 -5.03
C MET A 179 10.30 -16.59 -3.60
N ARG A 180 11.52 -16.80 -3.15
CA ARG A 180 11.86 -17.22 -1.76
C ARG A 180 12.28 -15.96 -1.00
N LEU A 181 12.09 -15.92 0.31
CA LEU A 181 12.55 -14.76 1.10
C LEU A 181 13.95 -15.06 1.64
N ARG A 182 14.88 -14.12 1.43
CA ARG A 182 16.25 -14.14 1.99
C ARG A 182 16.39 -12.98 2.95
N LEU A 183 16.92 -13.22 4.13
CA LEU A 183 17.24 -12.12 5.06
C LEU A 183 18.74 -12.18 5.31
N GLY A 184 19.45 -11.05 5.32
CA GLY A 184 20.89 -11.07 5.61
C GLY A 184 21.50 -9.70 5.82
N SER A 185 22.70 -9.69 6.37
CA SER A 185 23.51 -8.47 6.48
C SER A 185 24.84 -8.75 5.81
N TRP A 186 25.45 -7.76 5.19
CA TRP A 186 26.78 -7.93 4.60
C TRP A 186 27.47 -6.58 4.60
N ALA A 187 28.76 -6.55 4.38
CA ALA A 187 29.46 -5.25 4.34
C ALA A 187 29.66 -4.90 2.87
N GLY A 188 28.87 -3.96 2.37
CA GLY A 188 29.04 -3.38 1.01
C GLY A 188 30.29 -2.52 0.99
N GLY A 189 30.73 -2.09 2.16
CA GLY A 189 31.98 -1.34 2.35
C GLY A 189 33.15 -2.26 2.61
N ASP A 190 32.99 -3.56 2.36
CA ASP A 190 34.12 -4.52 2.40
C ASP A 190 35.22 -3.90 1.53
N PRO A 191 36.47 -3.81 2.01
CA PRO A 191 37.53 -3.14 1.26
C PRO A 191 37.82 -3.79 -0.09
N SER A 192 37.36 -5.03 -0.28
CA SER A 192 37.67 -5.84 -1.47
C SER A 192 36.57 -5.75 -2.51
N ASN A 193 35.48 -5.02 -2.22
CA ASN A 193 34.38 -4.85 -3.21
C ASN A 193 34.82 -3.80 -4.23
N PRO A 194 34.10 -3.67 -5.36
CA PRO A 194 34.34 -2.57 -6.29
C PRO A 194 34.17 -1.21 -5.62
N LYS A 195 34.91 -0.21 -6.10
CA LYS A 195 34.81 1.21 -5.61
C LYS A 195 33.33 1.63 -5.58
N GLY A 196 32.54 1.24 -6.57
CA GLY A 196 31.15 1.68 -6.74
C GLY A 196 30.24 1.12 -5.66
N THR A 197 30.45 -0.14 -5.27
CA THR A 197 29.66 -0.80 -4.21
C THR A 197 29.97 -0.14 -2.87
N ILE A 198 31.24 0.08 -2.59
CA ILE A 198 31.67 0.73 -1.33
C ILE A 198 31.11 2.14 -1.29
N GLU A 199 31.10 2.84 -2.42
CA GLU A 199 30.57 4.22 -2.51
C GLU A 199 29.07 4.20 -2.22
N TRP A 200 28.36 3.22 -2.80
CA TRP A 200 26.88 3.08 -2.68
C TRP A 200 26.52 2.81 -1.23
N ALA A 201 27.27 1.91 -0.57
CA ALA A 201 27.03 1.44 0.81
C ALA A 201 27.33 2.56 1.82
N GLY A 202 27.84 3.70 1.34
CA GLY A 202 28.12 4.89 2.17
C GLY A 202 29.49 4.84 2.83
N GLY A 203 30.43 4.08 2.29
CA GLY A 203 31.85 4.11 2.71
C GLY A 203 32.39 2.76 3.14
N LEU A 204 33.66 2.71 3.54
CA LEU A 204 34.44 1.52 3.98
C LEU A 204 33.88 0.96 5.27
N THR A 205 34.07 -0.32 5.52
CA THR A 205 33.61 -0.96 6.78
C THR A 205 34.80 -1.17 7.72
N ASP A 206 34.72 -0.57 8.90
CA ASP A 206 35.66 -0.79 10.03
C ASP A 206 35.09 -1.94 10.85
N TYR A 207 35.57 -3.16 10.63
CA TYR A 207 35.09 -4.38 11.32
C TYR A 207 35.50 -4.34 12.78
N SER A 208 36.56 -3.60 13.07
CA SER A 208 37.10 -3.39 14.44
C SER A 208 36.16 -2.48 15.21
N ALA A 209 35.44 -1.60 14.52
CA ALA A 209 34.70 -0.47 15.13
C ALA A 209 33.44 -0.97 15.86
N GLY A 210 33.09 -2.24 15.66
CA GLY A 210 32.13 -2.99 16.48
C GLY A 210 31.76 -4.25 15.73
N PRO A 211 31.06 -5.22 16.36
CA PRO A 211 30.16 -6.09 15.63
C PRO A 211 28.93 -5.24 15.30
N TYR A 212 28.40 -5.42 14.11
CA TYR A 212 27.15 -4.71 13.72
C TYR A 212 26.09 -5.76 13.52
N THR A 213 24.96 -5.63 14.20
CA THR A 213 23.90 -6.67 14.16
C THR A 213 22.61 -6.12 13.57
N MET A 214 22.04 -6.88 12.63
CA MET A 214 20.69 -6.63 12.07
C MET A 214 19.73 -7.58 12.78
N TYR A 215 18.59 -7.08 13.24
CA TYR A 215 17.63 -7.90 14.01
C TYR A 215 16.33 -8.07 13.21
N VAL A 216 15.87 -9.32 13.10
CA VAL A 216 14.54 -9.64 12.51
C VAL A 216 13.71 -10.29 13.61
N LYS A 217 12.69 -9.60 14.11
CA LYS A 217 11.80 -10.13 15.15
C LYS A 217 10.83 -11.15 14.56
N SER A 218 10.20 -10.87 13.42
CA SER A 218 9.18 -11.80 12.86
C SER A 218 9.18 -11.76 11.33
N VAL A 219 8.64 -12.80 10.69
CA VAL A 219 8.42 -12.80 9.21
C VAL A 219 6.98 -13.28 8.95
N ARG A 220 6.26 -12.58 8.10
CA ARG A 220 4.87 -12.93 7.72
C ARG A 220 4.83 -13.10 6.22
N ILE A 221 4.52 -14.28 5.71
CA ILE A 221 4.35 -14.50 4.25
C ILE A 221 2.90 -14.89 3.98
N GLU A 222 2.27 -14.27 2.99
CA GLU A 222 0.94 -14.69 2.51
C GLU A 222 1.13 -15.22 1.10
N ASN A 223 0.71 -16.45 0.84
CA ASN A 223 0.81 -17.06 -0.50
C ASN A 223 -0.54 -16.88 -1.21
N ALA A 224 -0.57 -16.07 -2.27
CA ALA A 224 -1.80 -15.82 -3.06
C ALA A 224 -2.18 -17.10 -3.82
N ASN A 225 -1.20 -17.89 -4.22
CA ASN A 225 -1.38 -19.15 -4.99
C ASN A 225 -0.70 -20.30 -4.26
N PRO A 226 -1.26 -20.77 -3.13
CA PRO A 226 -0.68 -21.88 -2.37
C PRO A 226 -0.52 -23.12 -3.22
N ALA A 227 0.67 -23.73 -3.20
CA ALA A 227 0.91 -24.98 -3.96
C ALA A 227 2.06 -25.74 -3.33
N GLU A 228 2.11 -27.06 -3.57
CA GLU A 228 3.19 -27.96 -3.14
C GLU A 228 4.44 -27.62 -3.94
N SER A 229 4.29 -27.24 -5.19
CA SER A 229 5.44 -26.97 -6.07
C SER A 229 5.04 -26.04 -7.21
N TYR A 230 6.02 -25.38 -7.80
CA TYR A 230 5.87 -24.47 -8.97
C TYR A 230 6.86 -24.92 -10.03
N THR A 231 6.38 -25.00 -11.27
CA THR A 231 7.17 -25.47 -12.43
C THR A 231 7.18 -24.33 -13.43
N TYR A 232 8.33 -24.02 -14.02
CA TYR A 232 8.42 -23.08 -15.17
C TYR A 232 8.14 -23.87 -16.45
N SER A 233 6.98 -23.68 -17.07
CA SER A 233 6.54 -24.44 -18.29
C SER A 233 7.44 -24.09 -19.49
N ASP A 234 7.72 -22.80 -19.73
CA ASP A 234 8.53 -22.37 -20.92
C ASP A 234 9.79 -21.65 -20.45
N ASN A 235 10.31 -20.81 -21.33
CA ASN A 235 11.50 -19.95 -21.10
C ASN A 235 11.07 -18.49 -21.21
N SER A 236 9.77 -18.25 -21.21
CA SER A 236 9.17 -16.90 -21.27
C SER A 236 9.46 -16.13 -19.98
N GLY A 237 9.57 -16.85 -18.85
CA GLY A 237 9.79 -16.26 -17.52
C GLY A 237 8.59 -15.45 -17.05
N SER A 238 7.46 -15.67 -17.69
CA SER A 238 6.20 -14.95 -17.37
C SER A 238 5.44 -15.75 -16.30
N TRP A 239 4.51 -15.09 -15.63
CA TRP A 239 3.65 -15.71 -14.61
C TRP A 239 2.63 -16.66 -15.26
N GLN A 240 2.29 -16.41 -16.52
CA GLN A 240 1.36 -17.28 -17.29
C GLN A 240 2.02 -18.64 -17.51
N SER A 241 3.35 -18.71 -17.43
CA SER A 241 4.09 -19.98 -17.67
C SER A 241 4.29 -20.78 -16.39
N ILE A 242 3.70 -20.37 -15.26
CA ILE A 242 3.93 -21.09 -13.97
C ILE A 242 2.82 -22.13 -13.76
N LYS A 243 3.22 -23.40 -13.70
CA LYS A 243 2.30 -24.54 -13.50
C LYS A 243 2.34 -24.96 -12.04
N PHE A 244 1.17 -25.24 -11.48
CA PHE A 244 0.99 -25.68 -10.08
C PHE A 244 -0.46 -26.12 -9.88
N ASP A 245 -0.70 -26.76 -8.73
CA ASP A 245 -2.03 -27.26 -8.30
C ASP A 245 -2.03 -27.44 -6.77
N LYS B 3 -21.49 21.81 -9.17
CA LYS B 3 -20.25 22.62 -9.37
C LYS B 3 -19.89 22.59 -10.87
N CYS B 4 -19.43 23.73 -11.42
CA CYS B 4 -18.89 23.87 -12.79
C CYS B 4 -18.08 22.62 -13.20
N ASN B 5 -18.53 21.90 -14.23
CA ASN B 5 -17.85 20.67 -14.71
C ASN B 5 -16.82 21.05 -15.78
N PRO B 6 -15.52 21.03 -15.47
CA PRO B 6 -14.48 21.49 -16.39
C PRO B 6 -14.35 20.80 -17.76
N LEU B 7 -15.05 19.69 -17.95
CA LEU B 7 -15.15 18.94 -19.24
C LEU B 7 -16.22 19.61 -20.09
N GLU B 8 -17.05 20.45 -19.47
CA GLU B 8 -18.22 21.09 -20.14
C GLU B 8 -17.89 22.56 -20.44
N LYS B 9 -17.03 23.20 -19.62
CA LYS B 9 -16.69 24.64 -19.77
C LYS B 9 -15.45 24.99 -18.95
N THR B 10 -15.13 26.28 -18.87
CA THR B 10 -14.02 26.83 -18.06
C THR B 10 -14.64 27.39 -16.79
N CYS B 11 -14.34 26.82 -15.64
CA CYS B 11 -14.86 27.31 -14.35
C CYS B 11 -13.79 28.01 -13.53
N PRO B 12 -14.16 28.64 -12.40
CA PRO B 12 -13.17 29.21 -11.48
C PRO B 12 -12.25 28.16 -10.88
N PRO B 13 -11.03 28.56 -10.51
CA PRO B 13 -10.07 27.67 -9.84
C PRO B 13 -10.63 26.95 -8.60
N ASN B 14 -10.16 25.74 -8.35
CA ASN B 14 -10.46 24.97 -7.12
C ASN B 14 -9.57 25.50 -6.00
N LYS B 15 -10.12 25.80 -4.83
CA LYS B 15 -9.28 26.19 -3.69
C LYS B 15 -8.40 25.00 -3.34
N GLY B 16 -7.09 25.21 -3.21
CA GLY B 16 -6.10 24.13 -3.02
C GLY B 16 -5.59 24.11 -1.60
N LEU B 17 -5.10 22.95 -1.15
CA LEU B 17 -4.39 22.82 0.13
C LEU B 17 -2.97 23.31 -0.13
N ALA B 18 -2.63 24.49 0.38
CA ALA B 18 -1.33 25.16 0.12
C ALA B 18 -0.30 24.68 1.15
N ALA B 19 -0.39 23.42 1.55
CA ALA B 19 0.47 22.77 2.56
C ALA B 19 0.67 21.33 2.12
N SER B 20 1.76 20.71 2.53
CA SER B 20 2.06 19.33 2.08
C SER B 20 1.25 18.34 2.92
N THR B 21 0.83 18.70 4.13
CA THR B 21 -0.03 17.80 4.94
C THR B 21 -1.08 18.61 5.69
N TYR B 22 -2.22 17.97 5.92
CA TYR B 22 -3.40 18.49 6.64
C TYR B 22 -3.80 17.39 7.62
N THR B 23 -3.95 17.66 8.91
CA THR B 23 -4.48 16.64 9.84
C THR B 23 -5.61 17.31 10.58
N ALA B 24 -6.63 16.56 10.88
CA ALA B 24 -7.76 17.01 11.68
C ALA B 24 -7.98 15.93 12.72
N ASP B 25 -7.78 16.25 13.99
CA ASP B 25 -8.16 15.36 15.09
C ASP B 25 -9.53 15.83 15.55
N PHE B 26 -10.60 15.16 15.15
CA PHE B 26 -11.98 15.60 15.45
C PHE B 26 -12.36 15.29 16.89
N THR B 27 -11.43 14.82 17.72
CA THR B 27 -11.70 14.47 19.13
C THR B 27 -11.34 15.65 20.03
N SER B 28 -11.17 16.82 19.42
CA SER B 28 -10.85 18.14 20.04
C SER B 28 -11.21 19.25 19.05
N ALA B 31 -10.52 21.43 15.25
CA ALA B 31 -11.69 22.19 14.72
C ALA B 31 -12.20 21.53 13.43
N LEU B 32 -13.43 21.85 13.03
CA LEU B 32 -13.98 21.58 11.67
C LEU B 32 -13.74 22.82 10.81
N ASP B 33 -12.56 23.45 10.89
CA ASP B 33 -12.38 24.82 10.34
C ASP B 33 -12.18 24.80 8.82
N GLN B 34 -11.43 23.82 8.32
CA GLN B 34 -11.17 23.71 6.86
C GLN B 34 -12.18 22.75 6.23
N TRP B 35 -13.33 22.60 6.88
CA TRP B 35 -14.47 21.79 6.40
C TRP B 35 -15.71 22.66 6.32
N GLU B 36 -16.63 22.34 5.41
CA GLU B 36 -18.00 22.90 5.43
C GLU B 36 -18.97 21.73 5.69
N VAL B 37 -20.01 21.97 6.48
CA VAL B 37 -21.13 21.01 6.61
C VAL B 37 -22.05 21.24 5.42
N THR B 38 -21.96 20.39 4.40
CA THR B 38 -22.67 20.55 3.11
C THR B 38 -24.12 20.05 3.27
N ALA B 39 -24.41 19.17 4.23
CA ALA B 39 -25.78 18.70 4.49
C ALA B 39 -25.92 18.33 5.96
N GLY B 40 -27.12 18.52 6.50
CA GLY B 40 -27.48 18.13 7.87
C GLY B 40 -26.71 18.92 8.91
N LYS B 41 -26.69 18.39 10.13
CA LYS B 41 -25.89 18.91 11.27
C LYS B 41 -24.83 17.85 11.52
N VAL B 42 -23.56 18.21 11.67
CA VAL B 42 -22.50 17.19 11.97
C VAL B 42 -21.83 17.57 13.27
N PRO B 43 -22.33 17.07 14.42
CA PRO B 43 -21.71 17.38 15.71
C PRO B 43 -20.34 16.72 15.88
N VAL B 44 -19.54 17.24 16.80
CA VAL B 44 -18.22 16.67 17.16
C VAL B 44 -18.30 16.23 18.61
N GLY B 45 -17.92 14.99 18.91
CA GLY B 45 -18.00 14.41 20.26
C GLY B 45 -16.65 13.85 20.67
N PRO B 46 -16.58 13.00 21.71
CA PRO B 46 -15.32 12.36 22.14
C PRO B 46 -14.77 11.35 21.12
N GLN B 47 -15.60 10.82 20.23
CA GLN B 47 -15.13 9.85 19.20
C GLN B 47 -15.14 10.52 17.82
N GLY B 48 -15.04 11.84 17.80
CA GLY B 48 -14.85 12.62 16.56
C GLY B 48 -16.17 13.12 16.02
N ALA B 49 -16.21 13.38 14.71
CA ALA B 49 -17.36 13.90 13.97
C ALA B 49 -18.41 12.78 13.86
N GLU B 50 -19.69 13.12 14.04
CA GLU B 50 -20.80 12.13 14.10
C GLU B 50 -21.69 12.29 12.86
N PHE B 51 -21.94 11.21 12.14
CA PHE B 51 -22.88 11.20 11.00
C PHE B 51 -24.06 10.33 11.41
N THR B 52 -25.19 10.95 11.78
CA THR B 52 -26.38 10.22 12.27
C THR B 52 -27.49 10.20 11.23
N VAL B 53 -27.98 9.01 10.89
CA VAL B 53 -29.24 8.87 10.13
C VAL B 53 -30.32 8.59 11.17
N ALA B 54 -30.99 9.64 11.68
CA ALA B 54 -31.99 9.50 12.75
C ALA B 54 -33.39 9.31 12.15
N LYS B 55 -33.67 9.92 10.99
CA LYS B 55 -35.02 9.91 10.38
C LYS B 55 -34.84 10.01 8.86
N GLN B 56 -35.93 9.89 8.08
CA GLN B 56 -35.80 9.85 6.61
C GLN B 56 -35.26 11.20 6.14
N GLY B 57 -34.37 11.16 5.13
CA GLY B 57 -33.76 12.35 4.50
C GLY B 57 -32.54 12.85 5.26
N ASP B 58 -32.18 12.18 6.36
CA ASP B 58 -30.91 12.42 7.09
C ASP B 58 -29.75 11.91 6.23
N ALA B 59 -28.96 12.84 5.68
CA ALA B 59 -27.80 12.53 4.83
C ALA B 59 -26.65 13.46 5.21
N PRO B 60 -26.24 13.45 6.50
CA PRO B 60 -25.23 14.39 7.01
C PRO B 60 -23.87 14.25 6.33
N THR B 61 -23.29 15.34 5.83
CA THR B 61 -22.05 15.28 5.00
C THR B 61 -21.13 16.45 5.35
N ILE B 62 -19.81 16.25 5.36
CA ILE B 62 -18.83 17.38 5.50
C ILE B 62 -17.82 17.27 4.38
N ASP B 63 -17.57 18.37 3.65
CA ASP B 63 -16.62 18.48 2.52
C ASP B 63 -15.39 19.26 2.99
N THR B 64 -14.21 19.02 2.43
CA THR B 64 -13.05 19.89 2.76
C THR B 64 -13.23 21.22 2.02
N ASP B 65 -12.75 22.31 2.60
CA ASP B 65 -12.77 23.65 1.97
C ASP B 65 -11.81 23.65 0.79
N PHE B 66 -10.84 22.75 0.80
CA PHE B 66 -9.71 22.67 -0.15
C PHE B 66 -9.75 21.40 -0.97
N TYR B 67 -8.89 21.37 -2.00
CA TYR B 67 -8.66 20.24 -2.92
C TYR B 67 -7.18 19.89 -2.82
N PHE B 68 -6.83 18.65 -3.11
CA PHE B 68 -5.42 18.23 -3.14
C PHE B 68 -5.24 17.46 -4.45
N PHE B 69 -4.09 17.65 -5.08
CA PHE B 69 -3.79 17.08 -6.41
C PHE B 69 -2.73 16.01 -6.22
N PHE B 70 -3.16 14.76 -6.07
CA PHE B 70 -2.33 13.53 -5.81
C PHE B 70 -1.83 13.55 -4.36
N GLY B 71 -1.64 12.38 -3.76
CA GLY B 71 -1.10 12.30 -2.39
C GLY B 71 -1.75 11.20 -1.58
N LYS B 72 -2.25 11.48 -0.39
CA LYS B 72 -2.78 10.44 0.52
C LYS B 72 -4.03 10.99 1.19
N ALA B 73 -5.05 10.16 1.38
CA ALA B 73 -6.21 10.51 2.25
C ALA B 73 -6.37 9.37 3.24
N GLU B 74 -6.21 9.66 4.53
CA GLU B 74 -6.36 8.65 5.59
C GLU B 74 -7.51 9.07 6.50
N VAL B 75 -8.46 8.18 6.76
CA VAL B 75 -9.59 8.54 7.64
C VAL B 75 -9.69 7.45 8.70
N VAL B 76 -9.75 7.79 9.97
CA VAL B 76 -10.01 6.76 11.01
C VAL B 76 -11.51 6.80 11.31
N MET B 77 -12.22 5.71 11.03
CA MET B 77 -13.70 5.76 11.02
C MET B 77 -14.31 4.44 11.49
N LYS B 78 -15.42 4.54 12.21
CA LYS B 78 -16.30 3.41 12.62
C LYS B 78 -17.60 3.59 11.84
N ALA B 79 -18.01 2.58 11.08
CA ALA B 79 -19.20 2.69 10.21
C ALA B 79 -20.46 2.73 11.07
N ALA B 80 -21.54 3.28 10.55
CA ALA B 80 -22.85 3.25 11.21
C ALA B 80 -23.43 1.86 11.04
N PRO B 81 -24.09 1.29 12.07
CA PRO B 81 -24.82 0.04 11.92
C PRO B 81 -26.17 0.28 11.20
N GLY B 82 -26.98 -0.77 11.01
CA GLY B 82 -28.33 -0.64 10.45
C GLY B 82 -28.41 -0.99 8.97
N THR B 83 -29.48 -1.68 8.58
CA THR B 83 -29.68 -2.22 7.21
C THR B 83 -29.86 -1.03 6.26
N GLY B 84 -29.10 -1.00 5.16
CA GLY B 84 -29.22 0.02 4.11
C GLY B 84 -28.55 1.33 4.46
N VAL B 85 -27.88 1.44 5.61
CA VAL B 85 -27.21 2.72 5.96
C VAL B 85 -25.78 2.70 5.44
N VAL B 86 -25.39 3.77 4.76
CA VAL B 86 -24.11 3.84 4.00
C VAL B 86 -23.20 4.82 4.72
N SER B 87 -21.99 4.37 5.02
CA SER B 87 -20.91 5.15 5.65
C SER B 87 -19.84 5.35 4.61
N SER B 88 -19.68 6.56 4.09
CA SER B 88 -18.76 6.74 2.92
C SER B 88 -17.70 7.78 3.19
N ILE B 89 -16.51 7.48 2.66
CA ILE B 89 -15.32 8.35 2.53
C ILE B 89 -15.20 8.62 1.04
N VAL B 90 -15.42 9.84 0.58
CA VAL B 90 -15.45 10.10 -0.88
C VAL B 90 -14.38 11.12 -1.25
N LEU B 91 -13.52 10.77 -2.20
CA LEU B 91 -12.60 11.73 -2.84
C LEU B 91 -13.24 12.12 -4.18
N GLU B 92 -13.44 13.40 -4.46
CA GLU B 92 -14.15 13.71 -5.73
C GLU B 92 -13.67 15.02 -6.34
N SER B 93 -13.47 15.01 -7.66
CA SER B 93 -13.09 16.21 -8.44
C SER B 93 -14.34 16.79 -9.10
N ASP B 94 -14.19 18.01 -9.61
CA ASP B 94 -15.32 18.79 -10.19
C ASP B 94 -15.73 18.19 -11.52
N ASP B 95 -14.80 17.49 -12.20
CA ASP B 95 -15.05 16.77 -13.47
C ASP B 95 -15.59 15.36 -13.18
N LEU B 96 -15.85 15.06 -11.91
CA LEU B 96 -16.47 13.83 -11.36
C LEU B 96 -15.51 12.63 -11.38
N ASP B 97 -14.21 12.85 -11.26
CA ASP B 97 -13.23 11.77 -10.96
C ASP B 97 -13.46 11.43 -9.49
N GLU B 98 -13.51 10.18 -9.06
CA GLU B 98 -13.77 9.97 -7.62
C GLU B 98 -13.31 8.57 -7.18
N VAL B 99 -12.66 8.50 -6.03
CA VAL B 99 -12.28 7.23 -5.37
C VAL B 99 -13.09 7.16 -4.09
N ASP B 100 -13.58 6.02 -3.65
CA ASP B 100 -14.34 6.03 -2.38
C ASP B 100 -14.22 4.71 -1.62
N TRP B 101 -14.77 4.80 -0.41
CA TRP B 101 -14.98 3.69 0.54
C TRP B 101 -16.47 3.68 0.83
N GLU B 102 -17.10 2.52 0.92
CA GLU B 102 -18.52 2.49 1.35
C GLU B 102 -18.70 1.32 2.29
N VAL B 103 -19.22 1.57 3.48
CA VAL B 103 -19.61 0.50 4.43
C VAL B 103 -21.13 0.44 4.47
N LEU B 104 -21.69 -0.75 4.56
CA LEU B 104 -23.15 -0.98 4.67
C LEU B 104 -23.44 -1.50 6.07
N GLY B 105 -24.50 -1.01 6.73
CA GLY B 105 -24.77 -1.32 8.14
C GLY B 105 -24.99 -2.81 8.39
N GLY B 106 -25.55 -3.52 7.42
CA GLY B 106 -25.90 -4.95 7.58
C GLY B 106 -24.85 -5.87 7.02
N ASP B 107 -23.86 -5.37 6.27
CA ASP B 107 -22.73 -6.21 5.79
C ASP B 107 -21.60 -5.99 6.78
N THR B 108 -21.44 -6.88 7.74
CA THR B 108 -20.55 -6.69 8.92
C THR B 108 -19.17 -7.28 8.64
N THR B 109 -18.93 -7.83 7.46
CA THR B 109 -17.66 -8.52 7.16
C THR B 109 -16.87 -7.78 6.08
N GLN B 110 -17.42 -6.74 5.47
CA GLN B 110 -16.75 -6.15 4.27
C GLN B 110 -16.92 -4.64 4.25
N VAL B 111 -16.05 -4.01 3.49
CA VAL B 111 -16.12 -2.60 3.05
C VAL B 111 -15.98 -2.61 1.54
N GLN B 112 -16.63 -1.71 0.84
CA GLN B 112 -16.62 -1.69 -0.64
C GLN B 112 -15.69 -0.57 -1.11
N THR B 113 -14.73 -0.89 -1.97
CA THR B 113 -13.84 0.10 -2.61
C THR B 113 -14.40 0.39 -4.00
N ASN B 114 -14.43 1.64 -4.42
CA ASN B 114 -15.04 1.95 -5.74
C ASN B 114 -14.37 3.21 -6.28
N TYR B 115 -14.42 3.40 -7.59
CA TYR B 115 -13.90 4.62 -8.26
C TYR B 115 -14.72 4.86 -9.53
N PHE B 116 -14.73 6.12 -9.98
CA PHE B 116 -15.33 6.60 -11.25
C PHE B 116 -14.30 7.47 -11.94
N GLY B 117 -14.35 7.53 -13.27
CA GLY B 117 -13.58 8.55 -14.03
C GLY B 117 -14.53 9.40 -14.82
N LYS B 118 -14.56 10.71 -14.55
CA LYS B 118 -15.30 11.72 -15.34
C LYS B 118 -16.80 11.40 -15.29
N GLY B 119 -17.31 10.88 -14.18
CA GLY B 119 -18.73 10.60 -13.95
C GLY B 119 -19.20 9.42 -14.79
N ASP B 120 -18.28 8.61 -15.31
CA ASP B 120 -18.63 7.45 -16.15
C ASP B 120 -19.05 6.30 -15.23
N THR B 121 -20.33 6.24 -14.89
CA THR B 121 -20.91 5.21 -14.00
C THR B 121 -21.87 4.36 -14.83
N THR B 122 -21.78 4.56 -16.16
CA THR B 122 -22.37 3.78 -17.27
C THR B 122 -22.30 2.30 -16.92
N THR B 123 -21.20 1.89 -16.32
CA THR B 123 -21.02 0.49 -15.88
C THR B 123 -21.04 0.49 -14.34
N TYR B 124 -21.21 -0.68 -13.71
CA TYR B 124 -21.17 -0.79 -12.23
C TYR B 124 -20.11 -1.84 -11.87
N ASP B 125 -18.97 -1.73 -12.56
CA ASP B 125 -17.88 -2.74 -12.71
C ASP B 125 -16.64 -2.33 -11.91
N ARG B 126 -16.60 -1.12 -11.36
CA ARG B 126 -15.36 -0.52 -10.80
C ARG B 126 -15.22 -0.79 -9.30
N GLY B 127 -16.07 -1.65 -8.73
CA GLY B 127 -16.12 -1.89 -7.28
C GLY B 127 -15.49 -3.21 -6.91
N THR B 128 -15.11 -3.35 -5.66
CA THR B 128 -14.60 -4.63 -5.10
C THR B 128 -14.97 -4.66 -3.63
N TYR B 129 -15.31 -5.82 -3.11
CA TYR B 129 -15.58 -5.97 -1.67
C TYR B 129 -14.30 -6.47 -1.03
N VAL B 130 -13.87 -5.86 0.08
CA VAL B 130 -12.66 -6.36 0.79
C VAL B 130 -13.05 -6.67 2.22
N PRO B 131 -12.46 -7.73 2.81
CA PRO B 131 -12.78 -8.10 4.18
C PRO B 131 -12.28 -7.06 5.19
N VAL B 132 -13.12 -6.70 6.14
CA VAL B 132 -12.76 -5.83 7.29
C VAL B 132 -13.56 -6.34 8.47
N ALA B 133 -12.98 -6.37 9.66
CA ALA B 133 -13.59 -6.92 10.89
C ALA B 133 -14.57 -5.91 11.47
N THR B 134 -15.87 -6.23 11.51
CA THR B 134 -16.98 -5.46 12.13
C THR B 134 -16.74 -3.94 12.01
N PRO B 135 -16.74 -3.40 10.79
CA PRO B 135 -16.50 -1.97 10.59
C PRO B 135 -17.52 -1.09 11.32
N GLN B 136 -18.69 -1.62 11.67
CA GLN B 136 -19.77 -0.89 12.37
C GLN B 136 -19.51 -0.82 13.88
N GLU B 137 -18.61 -1.67 14.39
CA GLU B 137 -18.38 -1.78 15.85
C GLU B 137 -16.93 -1.44 16.21
N THR B 138 -16.02 -1.36 15.23
CA THR B 138 -14.61 -1.03 15.54
C THR B 138 -14.13 0.01 14.52
N PHE B 139 -13.26 0.92 14.99
CA PHE B 139 -12.58 1.95 14.17
C PHE B 139 -11.48 1.29 13.36
N HIS B 140 -11.40 1.63 12.07
CA HIS B 140 -10.32 1.18 11.18
C HIS B 140 -9.72 2.40 10.51
N THR B 141 -8.50 2.29 10.01
CA THR B 141 -7.91 3.40 9.22
C THR B 141 -8.14 3.09 7.76
N TYR B 142 -8.86 3.95 7.07
CA TYR B 142 -9.09 3.79 5.62
C TYR B 142 -8.15 4.72 4.87
N THR B 143 -7.13 4.17 4.22
CA THR B 143 -6.14 4.97 3.47
C THR B 143 -6.29 4.76 1.96
N ILE B 144 -6.20 5.84 1.21
CA ILE B 144 -6.14 5.83 -0.27
C ILE B 144 -4.81 6.47 -0.62
N ASP B 145 -3.95 5.84 -1.39
CA ASP B 145 -2.71 6.49 -1.88
C ASP B 145 -2.97 6.78 -3.34
N TRP B 146 -2.75 7.99 -3.79
CA TRP B 146 -3.16 8.42 -5.14
C TRP B 146 -1.97 9.05 -5.85
N THR B 147 -1.45 8.41 -6.90
CA THR B 147 -0.32 8.96 -7.70
C THR B 147 -0.75 8.95 -9.18
N LYS B 148 0.13 9.28 -10.11
CA LYS B 148 -0.20 9.21 -11.56
C LYS B 148 -0.23 7.74 -12.00
N ASP B 149 0.48 6.87 -11.28
CA ASP B 149 0.70 5.45 -11.69
C ASP B 149 -0.41 4.57 -11.11
N ALA B 150 -0.88 4.83 -9.89
CA ALA B 150 -1.86 3.93 -9.26
C ALA B 150 -2.64 4.62 -8.15
N VAL B 151 -3.85 4.13 -7.91
CA VAL B 151 -4.65 4.41 -6.69
C VAL B 151 -4.51 3.18 -5.79
N THR B 152 -4.10 3.36 -4.54
CA THR B 152 -3.89 2.21 -3.62
C THR B 152 -4.84 2.37 -2.45
N TRP B 153 -5.55 1.31 -2.10
CA TRP B 153 -6.51 1.24 -0.97
C TRP B 153 -5.85 0.38 0.11
N SER B 154 -5.77 0.86 1.33
CA SER B 154 -5.21 0.08 2.46
C SER B 154 -6.19 0.12 3.62
N ILE B 155 -6.28 -0.93 4.42
CA ILE B 155 -7.05 -0.88 5.71
C ILE B 155 -6.09 -1.29 6.83
N ASP B 156 -5.97 -0.43 7.85
CA ASP B 156 -5.11 -0.66 9.02
C ASP B 156 -3.71 -1.05 8.56
N GLY B 157 -3.20 -0.37 7.54
CA GLY B 157 -1.82 -0.52 7.03
C GLY B 157 -1.67 -1.57 5.94
N ALA B 158 -2.72 -2.32 5.58
CA ALA B 158 -2.57 -3.44 4.64
C ALA B 158 -3.17 -3.03 3.30
N VAL B 159 -2.41 -3.23 2.22
CA VAL B 159 -2.88 -2.96 0.85
C VAL B 159 -3.96 -3.99 0.54
N VAL B 160 -5.08 -3.50 0.04
CA VAL B 160 -6.36 -4.23 -0.08
C VAL B 160 -6.84 -4.09 -1.52
N ARG B 161 -6.34 -3.11 -2.28
CA ARG B 161 -6.62 -2.98 -3.72
C ARG B 161 -5.66 -2.00 -4.37
N THR B 162 -5.24 -2.28 -5.60
CA THR B 162 -4.44 -1.36 -6.42
C THR B 162 -5.15 -1.16 -7.75
N LEU B 163 -5.38 0.08 -8.16
CA LEU B 163 -5.88 0.39 -9.52
C LEU B 163 -4.73 1.06 -10.24
N THR B 164 -4.16 0.41 -11.25
CA THR B 164 -3.06 1.01 -12.02
C THR B 164 -3.69 1.90 -13.08
N TYR B 165 -2.95 2.93 -13.49
CA TYR B 165 -3.41 3.95 -14.46
C TYR B 165 -4.00 3.26 -15.69
N ASN B 166 -3.36 2.17 -16.12
CA ASN B 166 -3.72 1.48 -17.38
C ASN B 166 -4.96 0.61 -17.18
N ASP B 167 -5.31 0.22 -15.94
CA ASP B 167 -6.45 -0.69 -15.66
C ASP B 167 -7.77 0.08 -15.76
N ALA B 168 -7.72 1.40 -15.87
CA ALA B 168 -8.92 2.26 -15.85
C ALA B 168 -9.24 2.72 -17.26
N LYS B 169 -9.70 1.81 -18.12
CA LYS B 169 -10.09 2.10 -19.52
C LYS B 169 -8.93 2.83 -20.23
N GLY B 170 -7.71 2.31 -20.08
CA GLY B 170 -6.53 2.81 -20.83
C GLY B 170 -5.88 4.00 -20.16
N GLY B 171 -6.60 4.71 -19.31
CA GLY B 171 -6.09 5.93 -18.64
C GLY B 171 -7.16 6.98 -18.66
N THR B 172 -8.13 6.72 -19.54
CA THR B 172 -9.37 7.48 -19.79
C THR B 172 -10.24 7.61 -18.55
N ARG B 173 -10.20 6.64 -17.63
CA ARG B 173 -11.13 6.63 -16.49
C ARG B 173 -10.38 6.62 -15.18
N PHE B 174 -9.07 6.79 -15.19
CA PHE B 174 -8.23 6.89 -13.97
C PHE B 174 -8.46 8.25 -13.33
N PRO B 175 -8.74 8.35 -12.00
CA PRO B 175 -8.92 9.64 -11.36
C PRO B 175 -7.59 10.41 -11.30
N GLN B 176 -7.53 11.57 -11.95
CA GLN B 176 -6.27 12.36 -12.05
C GLN B 176 -6.56 13.85 -11.97
N THR B 177 -7.67 14.27 -11.38
CA THR B 177 -7.97 15.72 -11.25
C THR B 177 -8.08 16.06 -9.77
N PRO B 178 -8.00 17.36 -9.39
CA PRO B 178 -7.98 17.75 -7.98
C PRO B 178 -9.26 17.31 -7.27
N MET B 179 -9.08 16.59 -6.16
CA MET B 179 -10.16 15.98 -5.37
C MET B 179 -10.29 16.65 -4.01
N ARG B 180 -11.51 16.67 -3.48
CA ARG B 180 -11.83 17.16 -2.12
C ARG B 180 -12.31 15.96 -1.30
N LEU B 181 -12.10 15.94 0.00
CA LEU B 181 -12.55 14.80 0.83
C LEU B 181 -13.95 15.11 1.36
N ARG B 182 -14.88 14.18 1.12
CA ARG B 182 -16.29 14.26 1.55
C ARG B 182 -16.55 13.11 2.52
N LEU B 183 -17.07 13.39 3.71
CA LEU B 183 -17.35 12.34 4.71
C LEU B 183 -18.84 12.41 5.00
N GLY B 184 -19.52 11.26 5.10
CA GLY B 184 -20.97 11.29 5.37
C GLY B 184 -21.60 9.92 5.47
N SER B 185 -22.83 9.90 5.96
CA SER B 185 -23.65 8.69 6.08
C SER B 185 -24.99 9.01 5.43
N TRP B 186 -25.63 8.03 4.83
CA TRP B 186 -26.97 8.25 4.26
C TRP B 186 -27.68 6.92 4.24
N ALA B 187 -28.98 6.92 4.01
CA ALA B 187 -29.72 5.67 3.95
C ALA B 187 -29.89 5.31 2.48
N GLY B 188 -29.10 4.35 1.99
CA GLY B 188 -29.24 3.80 0.64
C GLY B 188 -30.51 2.99 0.57
N GLY B 189 -30.95 2.50 1.72
CA GLY B 189 -32.17 1.70 1.86
C GLY B 189 -33.39 2.58 2.07
N ASP B 190 -33.22 3.90 2.00
CA ASP B 190 -34.35 4.87 2.07
C ASP B 190 -35.41 4.35 1.10
N PRO B 191 -36.66 4.19 1.55
CA PRO B 191 -37.67 3.52 0.73
C PRO B 191 -37.97 4.26 -0.58
N SER B 192 -37.58 5.53 -0.65
CA SER B 192 -37.83 6.41 -1.83
C SER B 192 -36.72 6.26 -2.88
N ASN B 193 -35.71 5.45 -2.62
CA ASN B 193 -34.57 5.26 -3.55
C ASN B 193 -34.94 4.26 -4.63
N PRO B 194 -34.20 4.21 -5.74
CA PRO B 194 -34.37 3.16 -6.74
C PRO B 194 -34.20 1.76 -6.15
N LYS B 195 -34.91 0.77 -6.68
CA LYS B 195 -34.82 -0.66 -6.28
C LYS B 195 -33.35 -1.09 -6.21
N GLY B 196 -32.54 -0.73 -7.21
CA GLY B 196 -31.14 -1.12 -7.35
C GLY B 196 -30.28 -0.56 -6.23
N THR B 197 -30.52 0.69 -5.82
CA THR B 197 -29.77 1.35 -4.72
C THR B 197 -30.11 0.65 -3.40
N ILE B 198 -31.40 0.42 -3.15
CA ILE B 198 -31.87 -0.25 -1.91
C ILE B 198 -31.27 -1.66 -1.90
N GLU B 199 -31.22 -2.33 -3.05
CA GLU B 199 -30.70 -3.72 -3.11
C GLU B 199 -29.20 -3.70 -2.79
N TRP B 200 -28.48 -2.73 -3.34
CA TRP B 200 -27.02 -2.60 -3.20
C TRP B 200 -26.69 -2.32 -1.73
N ALA B 201 -27.47 -1.43 -1.11
CA ALA B 201 -27.29 -0.95 0.28
C ALA B 201 -27.58 -2.07 1.27
N GLY B 202 -28.07 -3.22 0.78
CA GLY B 202 -28.33 -4.41 1.60
C GLY B 202 -29.73 -4.45 2.17
N GLY B 203 -30.64 -3.58 1.71
CA GLY B 203 -32.06 -3.67 2.08
C GLY B 203 -32.62 -2.33 2.56
N LEU B 204 -33.92 -2.30 2.85
CA LEU B 204 -34.71 -1.12 3.31
C LEU B 204 -34.20 -0.62 4.66
N THR B 205 -34.40 0.65 4.96
CA THR B 205 -33.94 1.23 6.23
C THR B 205 -35.16 1.42 7.13
N ASP B 206 -35.13 0.78 8.30
CA ASP B 206 -36.08 1.07 9.41
C ASP B 206 -35.48 2.18 10.24
N TYR B 207 -35.90 3.43 10.00
CA TYR B 207 -35.38 4.62 10.70
C TYR B 207 -35.68 4.55 12.17
N SER B 208 -36.79 3.90 12.52
CA SER B 208 -37.29 3.76 13.90
C SER B 208 -36.35 2.85 14.69
N ALA B 209 -35.62 1.95 14.02
CA ALA B 209 -34.71 0.98 14.68
C ALA B 209 -33.37 1.67 14.91
N GLY B 210 -33.35 2.96 14.57
CA GLY B 210 -32.18 3.85 14.68
C GLY B 210 -32.22 4.58 16.01
N PRO B 211 -31.51 5.71 16.17
CA PRO B 211 -30.66 6.28 15.13
C PRO B 211 -29.39 5.46 14.89
N TYR B 212 -28.77 5.68 13.74
CA TYR B 212 -27.50 5.02 13.35
C TYR B 212 -26.43 6.09 13.15
N THR B 213 -25.29 5.98 13.82
CA THR B 213 -24.22 6.98 13.71
C THR B 213 -22.92 6.37 13.18
N MET B 214 -22.30 7.05 12.22
CA MET B 214 -20.92 6.81 11.73
C MET B 214 -19.98 7.77 12.47
N TYR B 215 -18.83 7.32 12.96
CA TYR B 215 -17.88 8.18 13.71
C TYR B 215 -16.59 8.33 12.93
N VAL B 216 -16.06 9.55 12.80
CA VAL B 216 -14.73 9.79 12.17
C VAL B 216 -13.85 10.46 13.23
N LYS B 217 -12.85 9.74 13.76
CA LYS B 217 -11.92 10.29 14.79
C LYS B 217 -10.97 11.33 14.18
N SER B 218 -10.36 11.05 13.03
CA SER B 218 -9.26 11.88 12.51
C SER B 218 -9.22 11.83 10.98
N VAL B 219 -8.58 12.81 10.34
CA VAL B 219 -8.32 12.78 8.89
C VAL B 219 -6.89 13.26 8.66
N ARG B 220 -6.12 12.51 7.86
CA ARG B 220 -4.80 12.95 7.39
C ARG B 220 -4.82 13.07 5.87
N ILE B 221 -4.54 14.25 5.33
CA ILE B 221 -4.36 14.46 3.87
C ILE B 221 -2.91 14.87 3.61
N GLU B 222 -2.30 14.22 2.62
CA GLU B 222 -0.96 14.60 2.14
C GLU B 222 -1.11 15.14 0.72
N ASN B 223 -0.65 16.36 0.46
CA ASN B 223 -0.73 16.96 -0.88
C ASN B 223 0.61 16.77 -1.59
N ALA B 224 0.61 16.01 -2.68
CA ALA B 224 1.79 15.76 -3.54
C ALA B 224 2.18 17.08 -4.23
N ASN B 225 1.19 17.88 -4.62
CA ASN B 225 1.39 19.13 -5.37
C ASN B 225 0.71 20.29 -4.66
N PRO B 226 1.21 20.74 -3.50
CA PRO B 226 0.59 21.85 -2.78
C PRO B 226 0.48 23.08 -3.66
N ALA B 227 -0.60 23.82 -3.53
CA ALA B 227 -0.85 25.05 -4.30
C ALA B 227 -2.01 25.80 -3.64
N GLU B 228 -2.07 27.11 -3.86
CA GLU B 228 -3.17 27.98 -3.38
C GLU B 228 -4.43 27.67 -4.17
N SER B 229 -4.28 27.26 -5.43
CA SER B 229 -5.45 26.99 -6.32
C SER B 229 -5.03 26.07 -7.44
N TYR B 230 -6.03 25.43 -8.06
CA TYR B 230 -5.86 24.55 -9.23
C TYR B 230 -6.81 25.05 -10.32
N THR B 231 -6.32 25.11 -11.55
CA THR B 231 -7.10 25.56 -12.73
C THR B 231 -7.10 24.42 -13.72
N TYR B 232 -8.22 24.18 -14.40
CA TYR B 232 -8.26 23.25 -15.56
C TYR B 232 -7.99 24.09 -16.81
N SER B 233 -6.83 23.93 -17.46
CA SER B 233 -6.46 24.64 -18.73
C SER B 233 -7.48 24.36 -19.84
N ASP B 234 -7.99 23.14 -19.95
CA ASP B 234 -8.87 22.74 -21.07
C ASP B 234 -10.00 21.84 -20.55
N ASN B 235 -10.54 21.03 -21.45
CA ASN B 235 -11.70 20.14 -21.24
C ASN B 235 -11.21 18.70 -21.40
N SER B 236 -9.90 18.48 -21.40
CA SER B 236 -9.34 17.10 -21.50
C SER B 236 -9.69 16.31 -20.24
N GLY B 237 -9.71 16.98 -19.08
CA GLY B 237 -9.82 16.33 -17.75
C GLY B 237 -8.53 15.62 -17.38
N SER B 238 -7.48 15.89 -18.14
CA SER B 238 -6.12 15.32 -18.05
C SER B 238 -5.42 16.00 -16.88
N TRP B 239 -4.51 15.31 -16.21
CA TRP B 239 -3.75 15.88 -15.07
C TRP B 239 -2.69 16.83 -15.62
N GLN B 240 -2.27 16.62 -16.84
CA GLN B 240 -1.26 17.48 -17.53
C GLN B 240 -1.90 18.84 -17.79
N SER B 241 -3.23 18.92 -17.79
CA SER B 241 -3.99 20.17 -18.05
C SER B 241 -4.24 20.94 -16.75
N ILE B 242 -3.66 20.53 -15.62
CA ILE B 242 -3.94 21.21 -14.33
C ILE B 242 -2.82 22.22 -14.06
N LYS B 243 -3.20 23.49 -14.01
CA LYS B 243 -2.25 24.62 -13.78
C LYS B 243 -2.31 25.02 -12.30
N PHE B 244 -1.12 25.32 -11.78
CA PHE B 244 -0.88 25.78 -10.39
C PHE B 244 0.60 26.14 -10.29
N ASP B 245 0.99 26.74 -9.17
CA ASP B 245 2.33 27.31 -8.91
C ASP B 245 3.35 26.15 -8.76
#